data_5JF7
#
_entry.id   5JF7
#
_cell.length_a   41.470
_cell.length_b   65.970
_cell.length_c   89.320
_cell.angle_alpha   90.00
_cell.angle_beta   90.00
_cell.angle_gamma   90.00
#
_symmetry.space_group_name_H-M   'P 21 21 21'
#
loop_
_entity.id
_entity.type
_entity.pdbx_description
1 polymer 'Peptide deformylase'
2 non-polymer 2-(3-benzyl-5-bromo-1H-indol-1-yl)-N-hydroxyacetamide
3 non-polymer 'ACETATE ION'
4 non-polymer IMIDAZOLE
5 non-polymer 'ZINC ION'
6 water water
#
_entity_poly.entity_id   1
_entity_poly.type   'polypeptide(L)'
_entity_poly.pdbx_seq_one_letter_code
;MAAIDKLVKASHLIDMNDIIREGNPTLRKVAEEVTFPLSEKEEILGEKMMQFLKHSQDPIMAEKLGLRGGVGLAAPQLDI
SKRIIAVLVPNVEDAQGNPPKEAYSLQEVMYNPKVVSHSVQDAALSDGEG(OCS)LSVDREVPGYVVRHARVTIEYFDKT
GEKHRLKLKGYNSIVVQHEIDHIDGIMFYDRINEKNPFAVKEGLLILE
;
_entity_poly.pdbx_strand_id   A
#
loop_
_chem_comp.id
_chem_comp.type
_chem_comp.name
_chem_comp.formula
6JU non-polymer 2-(3-benzyl-5-bromo-1H-indol-1-yl)-N-hydroxyacetamide 'C17 H15 Br N2 O2'
ACT non-polymer 'ACETATE ION' 'C2 H3 O2 -1'
IMD non-polymer IMIDAZOLE 'C3 H5 N2 1'
ZN non-polymer 'ZINC ION' 'Zn 2'
#
# COMPACT_ATOMS: atom_id res chain seq x y z
N ALA A 2 -5.80 12.75 -19.92
CA ALA A 2 -6.21 12.53 -18.49
C ALA A 2 -4.97 12.02 -17.74
N ALA A 3 -5.10 11.75 -16.45
CA ALA A 3 -3.96 11.41 -15.65
C ALA A 3 -3.37 10.07 -16.10
N ILE A 4 -4.26 9.16 -16.42
CA ILE A 4 -3.85 7.82 -16.83
C ILE A 4 -2.94 7.88 -18.06
N ASP A 5 -3.22 8.77 -18.97
CA ASP A 5 -2.46 8.90 -20.20
C ASP A 5 -1.02 9.35 -19.93
N LYS A 6 -0.85 10.35 -19.10
CA LYS A 6 0.44 10.81 -18.63
C LYS A 6 1.25 9.72 -17.89
N LEU A 7 0.58 8.89 -17.06
CA LEU A 7 1.28 7.90 -16.25
C LEU A 7 1.81 6.71 -17.04
N VAL A 8 1.10 6.33 -18.10
CA VAL A 8 1.48 5.19 -18.91
C VAL A 8 2.35 5.43 -20.16
N LYS A 9 2.67 6.69 -20.44
CA LYS A 9 3.73 6.99 -21.44
C LYS A 9 5.02 6.17 -21.13
N ALA A 10 5.60 5.54 -22.14
CA ALA A 10 6.64 4.59 -21.90
C ALA A 10 7.85 5.17 -21.16
N SER A 11 8.20 6.41 -21.46
CA SER A 11 9.32 7.08 -20.83
C SER A 11 8.98 7.74 -19.46
N HIS A 12 7.74 7.77 -19.06
CA HIS A 12 7.37 8.47 -17.83
C HIS A 12 7.64 7.58 -16.63
N LEU A 13 8.36 8.11 -15.65
CA LEU A 13 8.55 7.42 -14.37
C LEU A 13 7.68 8.09 -13.31
N ILE A 14 6.98 7.31 -12.48
CA ILE A 14 6.20 7.90 -11.41
C ILE A 14 7.17 8.51 -10.35
N ASP A 15 6.83 9.68 -9.88
CA ASP A 15 7.56 10.36 -8.83
C ASP A 15 6.54 11.13 -7.90
N MET A 16 7.04 11.89 -6.92
CA MET A 16 6.20 12.53 -5.90
C MET A 16 5.27 13.51 -6.46
N ASN A 17 5.65 14.07 -7.61
CA ASN A 17 4.71 14.97 -8.31
C ASN A 17 3.46 14.40 -8.93
N ASP A 18 3.35 13.09 -9.00
CA ASP A 18 2.18 12.44 -9.51
C ASP A 18 1.23 12.05 -8.38
N ILE A 19 1.65 12.28 -7.14
CA ILE A 19 0.95 11.86 -6.02
C ILE A 19 0.03 12.96 -5.49
N ILE A 20 -1.27 12.65 -5.42
CA ILE A 20 -2.24 13.67 -4.96
C ILE A 20 -2.19 13.86 -3.42
N ARG A 21 -2.70 15.00 -2.97
CA ARG A 21 -2.64 15.49 -1.65
C ARG A 21 -3.95 15.38 -0.88
N GLU A 22 -3.80 15.08 0.42
CA GLU A 22 -4.86 15.15 1.39
C GLU A 22 -5.81 16.30 1.00
N GLY A 23 -7.09 16.06 0.95
CA GLY A 23 -8.01 17.05 0.51
C GLY A 23 -8.56 16.81 -0.89
N ASN A 24 -7.80 16.16 -1.75
CA ASN A 24 -8.28 15.89 -3.08
C ASN A 24 -9.34 14.83 -2.92
N PRO A 25 -10.57 15.08 -3.44
CA PRO A 25 -11.72 14.14 -3.31
C PRO A 25 -11.50 12.75 -3.80
N THR A 26 -10.59 12.54 -4.76
CA THR A 26 -10.33 11.16 -5.22
C THR A 26 -9.94 10.21 -4.07
N LEU A 27 -9.33 10.72 -3.02
CA LEU A 27 -8.84 9.89 -1.92
C LEU A 27 -9.99 9.39 -1.03
N ARG A 28 -11.18 10.02 -1.16
CA ARG A 28 -12.37 9.63 -0.40
C ARG A 28 -13.41 8.90 -1.19
N LYS A 29 -13.18 8.60 -2.45
CA LYS A 29 -14.15 7.75 -3.16
C LYS A 29 -13.97 6.27 -2.90
N VAL A 30 -14.99 5.48 -3.26
CA VAL A 30 -14.87 4.00 -3.43
C VAL A 30 -14.44 3.79 -4.88
N ALA A 31 -13.22 3.28 -5.06
CA ALA A 31 -12.67 3.02 -6.37
C ALA A 31 -13.48 1.96 -7.11
N GLU A 32 -13.42 2.10 -8.43
CA GLU A 32 -14.19 1.26 -9.34
C GLU A 32 -13.46 -0.08 -9.62
N GLU A 33 -14.17 -1.22 -9.54
CA GLU A 33 -13.58 -2.55 -9.81
C GLU A 33 -13.02 -2.56 -11.22
N VAL A 34 -11.93 -3.29 -11.46
CA VAL A 34 -11.45 -3.44 -12.85
C VAL A 34 -12.15 -4.66 -13.46
N THR A 35 -12.28 -4.69 -14.78
CA THR A 35 -12.74 -5.87 -15.50
C THR A 35 -11.65 -6.57 -16.26
N PHE A 36 -11.76 -7.88 -16.36
CA PHE A 36 -10.82 -8.66 -17.16
C PHE A 36 -11.41 -9.16 -18.49
N PRO A 37 -10.61 -9.32 -19.50
CA PRO A 37 -9.17 -8.96 -19.57
C PRO A 37 -8.85 -7.43 -19.43
N LEU A 38 -7.69 -7.13 -18.86
CA LEU A 38 -7.36 -5.76 -18.52
C LEU A 38 -7.11 -4.96 -19.78
N SER A 39 -7.41 -3.69 -19.80
CA SER A 39 -6.86 -2.85 -20.82
C SER A 39 -5.35 -2.72 -20.67
N GLU A 40 -4.74 -2.26 -21.77
CA GLU A 40 -3.34 -2.03 -21.78
C GLU A 40 -2.95 -0.97 -20.74
N LYS A 41 -3.72 0.08 -20.62
CA LYS A 41 -3.45 1.14 -19.68
C LYS A 41 -3.45 0.60 -18.22
N GLU A 42 -4.38 -0.27 -17.88
CA GLU A 42 -4.44 -0.82 -16.51
C GLU A 42 -3.27 -1.71 -16.20
N GLU A 43 -2.83 -2.46 -17.19
CA GLU A 43 -1.68 -3.29 -17.06
C GLU A 43 -0.39 -2.52 -16.86
N ILE A 44 -0.25 -1.47 -17.66
CA ILE A 44 0.94 -0.62 -17.61
C ILE A 44 0.95 0.14 -16.29
N LEU A 45 -0.19 0.62 -15.85
CA LEU A 45 -0.26 1.35 -14.61
C LEU A 45 0.25 0.54 -13.41
N GLY A 46 -0.17 -0.70 -13.37
CA GLY A 46 0.23 -1.60 -12.31
C GLY A 46 1.73 -1.81 -12.37
N GLU A 47 2.32 -1.89 -13.54
CA GLU A 47 3.77 -2.04 -13.66
C GLU A 47 4.56 -0.82 -13.31
N LYS A 48 4.08 0.33 -13.64
CA LYS A 48 4.69 1.58 -13.24
C LYS A 48 4.59 1.80 -11.72
N MET A 49 3.51 1.30 -11.10
CA MET A 49 3.33 1.38 -9.62
C MET A 49 4.33 0.52 -8.92
N MET A 50 4.55 -0.75 -9.36
CA MET A 50 5.62 -1.57 -8.82
C MET A 50 7.02 -0.92 -9.06
N GLN A 51 7.23 -0.36 -10.22
CA GLN A 51 8.48 0.30 -10.54
C GLN A 51 8.79 1.52 -9.59
N PHE A 52 7.75 2.27 -9.23
CA PHE A 52 7.83 3.29 -8.26
C PHE A 52 8.34 2.76 -6.90
N LEU A 53 7.82 1.61 -6.46
CA LEU A 53 8.19 1.09 -5.22
C LEU A 53 9.63 0.60 -5.23
N LYS A 54 10.05 -0.05 -6.32
CA LYS A 54 11.42 -0.54 -6.46
C LYS A 54 12.40 0.65 -6.44
N HIS A 55 12.11 1.69 -7.17
CA HIS A 55 12.89 2.95 -7.15
C HIS A 55 12.99 3.64 -5.85
N SER A 56 11.87 3.63 -5.11
CA SER A 56 11.77 4.19 -3.82
C SER A 56 12.64 3.45 -2.83
N GLN A 57 12.96 2.19 -3.11
CA GLN A 57 13.70 1.39 -2.18
C GLN A 57 15.21 1.32 -2.56
N ASP A 58 15.58 1.91 -3.67
CA ASP A 58 16.93 1.82 -4.19
C ASP A 58 17.59 3.16 -3.86
N PRO A 59 18.59 3.18 -2.94
CA PRO A 59 19.16 4.49 -2.45
C PRO A 59 19.47 5.56 -3.54
N ILE A 60 20.09 5.10 -4.61
CA ILE A 60 20.40 5.94 -5.76
C ILE A 60 19.19 6.46 -6.59
N MET A 61 18.30 5.57 -7.02
CA MET A 61 17.13 5.98 -7.79
C MET A 61 16.25 6.86 -6.93
N ALA A 62 16.10 6.53 -5.63
CA ALA A 62 15.32 7.39 -4.74
C ALA A 62 15.88 8.82 -4.69
N GLU A 63 17.22 8.91 -4.62
CA GLU A 63 17.95 10.22 -4.67
C GLU A 63 17.76 10.92 -5.98
N LYS A 64 17.98 10.23 -7.10
CA LYS A 64 17.69 10.79 -8.39
C LYS A 64 16.29 11.38 -8.56
N LEU A 65 15.27 10.58 -8.21
CA LEU A 65 13.90 10.93 -8.44
C LEU A 65 13.33 11.72 -7.28
N GLY A 66 14.05 11.93 -6.19
CA GLY A 66 13.43 12.68 -5.04
C GLY A 66 12.38 11.92 -4.22
N LEU A 67 12.57 10.64 -4.02
CA LEU A 67 11.52 9.73 -3.44
C LEU A 67 11.97 9.36 -2.05
N ARG A 68 11.07 9.11 -1.12
CA ARG A 68 11.42 8.33 0.08
C ARG A 68 10.96 6.89 0.00
N GLY A 69 11.61 6.04 0.79
CA GLY A 69 11.33 4.58 0.89
C GLY A 69 9.86 4.36 1.17
N GLY A 70 9.28 3.29 0.62
CA GLY A 70 7.83 3.04 0.79
C GLY A 70 7.60 1.61 0.40
N VAL A 71 6.51 1.04 0.88
CA VAL A 71 6.21 -0.38 0.62
C VAL A 71 4.85 -0.68 -0.06
N GLY A 72 4.05 0.34 -0.30
CA GLY A 72 2.69 0.17 -0.79
C GLY A 72 2.28 1.41 -1.58
N LEU A 73 1.45 1.24 -2.55
CA LEU A 73 0.93 2.34 -3.30
C LEU A 73 -0.42 1.90 -3.84
N ALA A 74 -1.36 2.83 -3.86
CA ALA A 74 -2.67 2.54 -4.45
C ALA A 74 -2.99 3.52 -5.57
N ALA A 75 -3.75 3.09 -6.57
CA ALA A 75 -4.06 3.92 -7.74
C ALA A 75 -4.78 5.21 -7.41
N PRO A 76 -5.66 5.21 -6.40
CA PRO A 76 -6.27 6.51 -6.01
C PRO A 76 -5.29 7.60 -5.68
N GLN A 77 -4.10 7.25 -5.22
CA GLN A 77 -3.10 8.23 -4.81
C GLN A 77 -2.48 8.91 -6.00
N LEU A 78 -2.62 8.29 -7.16
CA LEU A 78 -2.25 8.83 -8.46
C LEU A 78 -3.38 9.47 -9.22
N ASP A 79 -4.50 9.73 -8.52
CA ASP A 79 -5.70 10.31 -9.11
C ASP A 79 -6.43 9.35 -10.04
N ILE A 80 -6.32 8.03 -9.85
CA ILE A 80 -6.97 7.03 -10.72
C ILE A 80 -7.88 6.22 -9.84
N SER A 81 -9.20 6.34 -10.04
CA SER A 81 -10.16 5.72 -9.13
C SER A 81 -10.48 4.28 -9.55
N LYS A 82 -9.50 3.40 -9.43
CA LYS A 82 -9.54 1.98 -9.81
C LYS A 82 -8.95 1.17 -8.65
N ARG A 83 -9.46 -0.07 -8.50
CA ARG A 83 -9.11 -1.00 -7.43
C ARG A 83 -7.79 -1.75 -7.81
N ILE A 84 -6.69 -0.98 -7.76
CA ILE A 84 -5.36 -1.55 -8.11
C ILE A 84 -4.44 -1.05 -7.02
N ILE A 85 -3.68 -1.97 -6.46
CA ILE A 85 -2.62 -1.64 -5.46
C ILE A 85 -1.36 -2.37 -5.73
N ALA A 86 -0.26 -1.83 -5.26
CA ALA A 86 1.01 -2.56 -5.34
C ALA A 86 1.64 -2.60 -3.96
N VAL A 87 2.26 -3.77 -3.63
CA VAL A 87 2.97 -3.92 -2.36
C VAL A 87 4.31 -4.57 -2.54
N LEU A 88 5.27 -4.06 -1.79
CA LEU A 88 6.63 -4.52 -1.92
C LEU A 88 7.33 -4.42 -0.59
N VAL A 89 7.46 -5.54 0.09
CA VAL A 89 7.95 -5.53 1.42
C VAL A 89 9.28 -6.33 1.45
N PRO A 90 10.40 -5.64 1.64
CA PRO A 90 11.68 -6.30 1.58
C PRO A 90 11.99 -7.00 2.89
N ASN A 91 12.68 -8.13 2.80
CA ASN A 91 13.32 -8.78 3.96
C ASN A 91 14.65 -8.01 4.24
N VAL A 92 15.22 -8.22 5.40
CA VAL A 92 16.37 -7.49 5.79
C VAL A 92 17.64 -8.36 5.88
N GLU A 93 18.80 -7.77 5.62
CA GLU A 93 20.12 -8.37 5.86
C GLU A 93 20.31 -8.89 7.31
N ASP A 94 21.07 -9.95 7.49
CA ASP A 94 21.37 -10.38 8.84
C ASP A 94 22.47 -9.45 9.44
N ALA A 95 22.85 -9.69 10.68
CA ALA A 95 23.87 -8.92 11.32
C ALA A 95 25.25 -9.06 10.74
N GLN A 96 25.55 -10.08 9.96
CA GLN A 96 26.82 -10.12 9.27
C GLN A 96 26.79 -9.40 7.92
N GLY A 97 25.66 -8.88 7.51
CA GLY A 97 25.56 -8.27 6.14
C GLY A 97 25.18 -9.25 5.04
N ASN A 98 24.77 -10.47 5.35
CA ASN A 98 24.38 -11.35 4.29
C ASN A 98 22.97 -10.96 3.82
N PRO A 99 22.75 -10.87 2.51
CA PRO A 99 21.39 -10.77 2.01
C PRO A 99 20.43 -11.87 2.51
N PRO A 100 19.09 -11.61 2.55
CA PRO A 100 18.14 -12.65 2.97
C PRO A 100 17.96 -13.67 1.85
N LYS A 101 17.51 -14.87 2.21
CA LYS A 101 17.20 -15.96 1.26
C LYS A 101 16.22 -15.48 0.18
N GLU A 102 15.14 -14.83 0.62
CA GLU A 102 14.12 -14.17 -0.23
C GLU A 102 14.27 -12.63 -0.14
N ALA A 103 14.43 -11.96 -1.29
CA ALA A 103 14.54 -10.52 -1.31
C ALA A 103 13.29 -9.85 -0.65
N TYR A 104 12.12 -10.42 -0.85
CA TYR A 104 10.85 -9.77 -0.47
C TYR A 104 9.95 -10.73 0.32
N SER A 105 9.33 -10.31 1.42
CA SER A 105 8.33 -11.20 2.07
C SER A 105 6.99 -11.02 1.34
N LEU A 106 6.83 -9.95 0.60
CA LEU A 106 5.60 -9.78 -0.21
C LEU A 106 5.88 -8.88 -1.41
N GLN A 107 5.53 -9.30 -2.59
CA GLN A 107 5.72 -8.59 -3.81
C GLN A 107 4.54 -8.91 -4.78
N GLU A 108 3.63 -7.95 -4.99
CA GLU A 108 2.46 -8.11 -5.83
C GLU A 108 1.87 -6.84 -6.29
N VAL A 109 1.31 -6.94 -7.52
CA VAL A 109 0.36 -5.96 -8.02
C VAL A 109 -1.03 -6.67 -7.97
N MET A 110 -1.94 -6.16 -7.15
CA MET A 110 -3.24 -6.80 -6.90
C MET A 110 -4.34 -5.94 -7.50
N TYR A 111 -5.19 -6.58 -8.29
CA TYR A 111 -6.44 -6.05 -8.83
C TYR A 111 -7.61 -6.57 -8.03
N ASN A 112 -8.56 -5.67 -7.77
CA ASN A 112 -9.73 -5.98 -7.00
C ASN A 112 -9.48 -6.73 -5.67
N PRO A 113 -8.51 -6.27 -4.88
CA PRO A 113 -8.24 -7.03 -3.61
C PRO A 113 -9.30 -6.74 -2.58
N LYS A 114 -9.59 -7.67 -1.70
CA LYS A 114 -10.44 -7.37 -0.56
C LYS A 114 -10.12 -8.30 0.67
N VAL A 115 -10.48 -7.88 1.83
CA VAL A 115 -10.37 -8.74 3.03
C VAL A 115 -11.61 -9.64 3.06
N VAL A 116 -11.47 -10.95 3.00
CA VAL A 116 -12.62 -11.86 3.14
C VAL A 116 -12.83 -12.46 4.55
N SER A 117 -11.82 -12.50 5.39
CA SER A 117 -11.97 -12.83 6.82
C SER A 117 -10.78 -12.28 7.58
N HIS A 118 -10.90 -12.23 8.92
CA HIS A 118 -9.84 -11.72 9.75
C HIS A 118 -9.96 -12.23 11.16
N SER A 119 -8.93 -12.10 11.94
CA SER A 119 -8.89 -12.40 13.35
C SER A 119 -9.75 -11.39 14.17
N VAL A 120 -10.22 -11.87 15.31
CA VAL A 120 -10.84 -11.03 16.28
C VAL A 120 -9.76 -10.11 16.81
N GLN A 121 -8.54 -10.62 17.05
CA GLN A 121 -7.46 -9.73 17.56
C GLN A 121 -7.07 -8.57 16.62
N ASP A 122 -6.82 -7.39 17.20
CA ASP A 122 -6.28 -6.24 16.50
C ASP A 122 -4.77 -6.15 16.64
N ALA A 123 -4.13 -5.39 15.77
CA ALA A 123 -2.72 -5.12 15.93
C ALA A 123 -2.43 -3.66 15.48
N ALA A 124 -1.27 -3.13 15.79
CA ALA A 124 -0.84 -1.83 15.32
C ALA A 124 0.62 -1.70 15.30
N LEU A 125 1.16 -0.97 14.34
CA LEU A 125 2.58 -0.75 14.40
C LEU A 125 2.94 0.18 15.57
N SER A 126 4.02 -0.18 16.27
CA SER A 126 4.48 0.63 17.39
C SER A 126 4.85 2.05 16.98
N ASP A 127 5.40 2.22 15.81
CA ASP A 127 5.86 3.50 15.39
C ASP A 127 4.78 4.21 14.65
N GLY A 128 3.51 3.76 14.66
CA GLY A 128 2.48 4.53 13.93
C GLY A 128 2.58 4.29 12.41
N GLU A 129 1.89 5.09 11.60
CA GLU A 129 1.96 4.92 10.14
C GLU A 129 2.18 6.30 9.56
N GLY A 130 2.35 6.41 8.25
CA GLY A 130 2.46 7.71 7.53
C GLY A 130 1.87 7.48 6.13
N OCS A 131 1.98 8.45 5.22
CA OCS A 131 1.31 8.37 3.95
CB OCS A 131 -0.21 8.46 4.11
SG OCS A 131 -1.28 8.34 2.89
C OCS A 131 1.92 9.41 3.07
O OCS A 131 2.10 10.56 3.43
OD1 OCS A 131 -2.55 8.67 3.05
OD2 OCS A 131 -0.84 8.69 1.47
OD3 OCS A 131 -1.34 6.87 2.95
N LEU A 132 2.22 9.00 1.86
CA LEU A 132 2.72 9.93 0.87
C LEU A 132 1.79 11.06 0.54
N SER A 133 0.51 10.89 0.67
CA SER A 133 -0.41 11.98 0.44
C SER A 133 -0.57 12.94 1.62
N VAL A 134 0.08 12.64 2.74
CA VAL A 134 -0.12 13.43 3.96
C VAL A 134 1.19 14.08 4.44
N ASP A 135 1.21 15.38 4.49
CA ASP A 135 2.39 16.09 4.91
C ASP A 135 2.19 16.79 6.28
N ARG A 136 1.85 16.01 7.28
CA ARG A 136 1.56 16.41 8.65
C ARG A 136 2.20 15.33 9.47
N GLU A 137 2.64 15.67 10.68
CA GLU A 137 3.13 14.62 11.61
C GLU A 137 1.82 14.14 12.25
N VAL A 138 1.58 12.84 12.22
CA VAL A 138 0.31 12.30 12.79
C VAL A 138 0.61 11.16 13.76
N PRO A 139 0.50 11.44 15.04
CA PRO A 139 0.87 10.44 16.01
C PRO A 139 -0.26 9.44 16.33
N GLY A 140 0.14 8.23 16.65
CA GLY A 140 -0.72 7.29 17.35
C GLY A 140 -0.75 5.90 16.73
N TYR A 141 -1.45 4.99 17.38
CA TYR A 141 -1.60 3.65 16.94
C TYR A 141 -2.76 3.52 15.96
N VAL A 142 -2.42 3.02 14.77
CA VAL A 142 -3.40 2.81 13.71
C VAL A 142 -3.93 1.36 13.89
N VAL A 143 -5.09 1.26 14.49
CA VAL A 143 -5.66 -0.08 14.93
C VAL A 143 -6.23 -0.86 13.72
N ARG A 144 -5.67 -2.04 13.45
CA ARG A 144 -6.05 -2.85 12.31
C ARG A 144 -6.34 -4.32 12.78
N HIS A 145 -6.79 -5.19 11.88
CA HIS A 145 -6.88 -6.62 12.10
C HIS A 145 -5.47 -7.20 12.22
N ALA A 146 -5.24 -8.03 13.23
CA ALA A 146 -3.94 -8.65 13.36
C ALA A 146 -3.66 -9.53 12.10
N ARG A 147 -4.57 -10.40 11.76
CA ARG A 147 -4.43 -11.41 10.69
C ARG A 147 -5.63 -11.26 9.74
N VAL A 148 -5.38 -11.44 8.45
CA VAL A 148 -6.44 -11.31 7.37
C VAL A 148 -6.26 -12.45 6.36
N THR A 149 -7.35 -12.86 5.74
CA THR A 149 -7.33 -13.64 4.58
C THR A 149 -7.80 -12.68 3.52
N ILE A 150 -7.00 -12.55 2.46
CA ILE A 150 -7.37 -11.74 1.34
C ILE A 150 -7.64 -12.58 0.06
N GLU A 151 -8.51 -12.01 -0.82
CA GLU A 151 -8.58 -12.39 -2.20
C GLU A 151 -8.15 -11.27 -3.12
N TYR A 152 -7.59 -11.66 -4.26
CA TYR A 152 -7.26 -10.65 -5.29
C TYR A 152 -7.03 -11.31 -6.64
N PHE A 153 -6.93 -10.54 -7.70
CA PHE A 153 -6.63 -11.06 -9.02
C PHE A 153 -5.27 -10.53 -9.48
N ASP A 154 -4.50 -11.33 -10.22
CA ASP A 154 -3.37 -10.74 -10.89
C ASP A 154 -3.73 -10.15 -12.25
N LYS A 155 -2.74 -9.56 -12.91
CA LYS A 155 -2.88 -8.94 -14.23
C LYS A 155 -3.36 -9.90 -15.31
N THR A 156 -3.18 -11.21 -15.12
CA THR A 156 -3.72 -12.16 -16.06
C THR A 156 -5.16 -12.43 -15.76
N GLY A 157 -5.71 -12.00 -14.65
CA GLY A 157 -7.05 -12.52 -14.34
C GLY A 157 -7.11 -13.72 -13.38
N GLU A 158 -5.99 -14.33 -13.05
CA GLU A 158 -5.98 -15.45 -12.07
C GLU A 158 -6.34 -15.00 -10.61
N LYS A 159 -7.24 -15.69 -9.95
CA LYS A 159 -7.62 -15.38 -8.61
C LYS A 159 -6.66 -16.05 -7.63
N HIS A 160 -6.32 -15.34 -6.55
CA HIS A 160 -5.47 -15.79 -5.48
C HIS A 160 -6.17 -15.59 -4.15
N ARG A 161 -5.93 -16.49 -3.21
CA ARG A 161 -6.45 -16.42 -1.80
C ARG A 161 -5.23 -16.61 -0.91
N LEU A 162 -5.04 -15.69 0.02
CA LEU A 162 -3.81 -15.61 0.77
C LEU A 162 -4.10 -15.16 2.25
N LYS A 163 -3.50 -15.84 3.26
CA LYS A 163 -3.53 -15.42 4.67
C LYS A 163 -2.21 -14.64 4.98
N LEU A 164 -2.33 -13.57 5.76
CA LEU A 164 -1.22 -12.69 6.09
C LEU A 164 -1.36 -12.36 7.56
N LYS A 165 -0.18 -12.19 8.16
CA LYS A 165 -0.03 -11.69 9.45
C LYS A 165 1.15 -10.68 9.55
N GLY A 166 1.36 -10.16 10.74
CA GLY A 166 2.44 -9.24 11.07
C GLY A 166 2.38 -7.99 10.23
N TYR A 167 3.57 -7.59 9.77
CA TYR A 167 3.72 -6.35 9.02
C TYR A 167 3.05 -6.38 7.65
N ASN A 168 3.08 -7.53 6.96
CA ASN A 168 2.45 -7.64 5.66
C ASN A 168 0.95 -7.49 5.71
N SER A 169 0.36 -8.01 6.74
CA SER A 169 -1.06 -7.81 7.05
C SER A 169 -1.40 -6.29 7.15
N ILE A 170 -0.56 -5.57 7.87
CA ILE A 170 -0.77 -4.16 8.14
C ILE A 170 -0.61 -3.38 6.80
N VAL A 171 0.33 -3.77 5.99
CA VAL A 171 0.57 -3.05 4.75
C VAL A 171 -0.58 -3.20 3.80
N VAL A 172 -1.05 -4.42 3.62
CA VAL A 172 -2.09 -4.70 2.66
C VAL A 172 -3.39 -4.06 3.08
N GLN A 173 -3.66 -4.06 4.38
CA GLN A 173 -4.83 -3.39 4.92
C GLN A 173 -4.82 -1.84 4.66
N HIS A 174 -3.66 -1.19 4.87
CA HIS A 174 -3.47 0.21 4.58
C HIS A 174 -3.84 0.56 3.07
N GLU A 175 -3.31 -0.23 2.12
CA GLU A 175 -3.66 -0.07 0.67
C GLU A 175 -5.05 -0.39 0.24
N ILE A 176 -5.68 -1.44 0.80
CA ILE A 176 -7.04 -1.68 0.52
C ILE A 176 -7.93 -0.51 1.02
N ASP A 177 -7.61 0.04 2.19
CA ASP A 177 -8.31 1.17 2.71
C ASP A 177 -8.32 2.31 1.70
N HIS A 178 -7.22 2.54 0.99
CA HIS A 178 -7.26 3.64 0.04
C HIS A 178 -8.27 3.44 -1.06
N ILE A 179 -8.46 2.18 -1.52
CA ILE A 179 -9.43 1.92 -2.58
C ILE A 179 -10.87 1.92 -2.10
N ASP A 180 -11.08 1.94 -0.78
CA ASP A 180 -12.38 2.18 -0.18
C ASP A 180 -12.58 3.62 0.33
N GLY A 181 -11.63 4.47 0.10
CA GLY A 181 -11.73 5.94 0.54
C GLY A 181 -11.49 6.17 2.02
N ILE A 182 -10.70 5.31 2.60
CA ILE A 182 -10.32 5.39 4.00
C ILE A 182 -8.79 5.73 4.16
N MET A 183 -8.49 6.63 5.10
CA MET A 183 -7.16 7.19 5.47
C MET A 183 -6.77 6.60 6.76
N PHE A 184 -5.48 6.45 6.95
CA PHE A 184 -4.94 5.79 8.17
C PHE A 184 -5.41 6.39 9.46
N TYR A 185 -5.41 7.72 9.50
CA TYR A 185 -5.84 8.40 10.74
C TYR A 185 -7.32 8.22 11.16
N ASP A 186 -8.15 7.74 10.25
CA ASP A 186 -9.52 7.32 10.59
C ASP A 186 -9.56 6.13 11.62
N ARG A 187 -8.47 5.38 11.78
CA ARG A 187 -8.34 4.19 12.67
C ARG A 187 -7.47 4.54 13.89
N ILE A 188 -7.20 5.83 14.13
CA ILE A 188 -6.54 6.33 15.34
C ILE A 188 -7.59 6.86 16.34
N ASN A 189 -7.49 6.38 17.59
CA ASN A 189 -8.42 6.78 18.63
C ASN A 189 -8.52 8.27 18.77
N GLU A 190 -9.72 8.78 18.92
CA GLU A 190 -9.94 10.23 18.74
C GLU A 190 -9.50 11.01 19.97
N LYS A 191 -9.61 10.43 21.15
CA LYS A 191 -9.29 11.15 22.39
C LYS A 191 -7.88 10.87 22.91
N ASN A 192 -7.37 9.64 22.83
CA ASN A 192 -5.95 9.38 23.14
C ASN A 192 -5.32 8.52 22.04
N PRO A 193 -4.54 9.14 21.16
CA PRO A 193 -3.87 8.39 20.05
C PRO A 193 -3.11 7.14 20.43
N PHE A 194 -2.60 7.12 21.66
CA PHE A 194 -1.84 5.99 22.18
C PHE A 194 -2.62 5.09 23.05
N ALA A 195 -3.94 5.16 23.04
CA ALA A 195 -4.72 4.23 23.89
C ALA A 195 -4.52 2.75 23.46
N VAL A 196 -4.57 1.84 24.43
CA VAL A 196 -4.30 0.45 24.18
C VAL A 196 -5.41 -0.35 24.78
N LYS A 197 -6.36 -0.82 23.98
CA LYS A 197 -7.37 -1.74 24.49
C LYS A 197 -6.72 -3.12 24.69
N GLU A 198 -7.08 -3.80 25.77
CA GLU A 198 -6.33 -4.95 26.25
C GLU A 198 -6.41 -6.03 25.17
N GLY A 199 -5.27 -6.59 24.87
CA GLY A 199 -5.16 -7.61 23.84
C GLY A 199 -4.67 -7.10 22.47
N LEU A 200 -4.50 -5.78 22.34
CA LEU A 200 -3.93 -5.24 21.13
C LEU A 200 -2.53 -5.75 20.94
N LEU A 201 -2.25 -6.29 19.78
CA LEU A 201 -0.93 -6.67 19.47
C LEU A 201 -0.11 -5.49 18.94
N ILE A 202 0.93 -5.08 19.65
CA ILE A 202 1.78 -3.95 19.19
C ILE A 202 2.99 -4.53 18.46
N LEU A 203 3.12 -4.22 17.17
CA LEU A 203 4.22 -4.71 16.32
C LEU A 203 5.46 -3.78 16.28
N GLU A 204 6.66 -4.33 16.47
CA GLU A 204 7.90 -3.51 16.74
C GLU A 204 8.71 -2.87 15.59
C5 6JU B . 3.95 5.29 4.89
C4 6JU B . 3.98 5.69 3.61
C6 6JU B . 3.27 4.06 4.95
C7 6JU B . 2.93 3.15 5.99
C8 6JU B . 2.25 1.95 5.69
BR 6JU B . 1.75 0.71 7.08
C9 6JU B . 1.91 1.63 4.36
C10 6JU B . 2.24 2.51 3.33
C11 6JU B . 2.92 3.73 3.63
N3 6JU B . 3.36 4.73 2.87
C12 6JU B . 3.17 4.73 1.39
C13 6JU B . 1.68 5.08 1.07
O2 6JU B . 1.31 6.26 1.05
N1 6JU B . 0.88 4.02 0.81
O14 6JU B . -0.44 4.16 0.52
C ACT C . -9.95 -3.32 7.13
O ACT C . -10.76 -4.18 6.71
OXT ACT C . -9.88 -2.82 8.29
CH3 ACT C . -8.91 -2.89 6.07
N1 IMD D . -21.82 0.81 -8.25
C2 IMD D . -21.08 0.23 -9.24
N3 IMD D . -20.41 1.23 -9.85
C4 IMD D . -20.73 2.40 -9.29
C5 IMD D . -21.60 2.14 -8.30
ZN ZN E . -1.21 5.27 2.04
ZN ZN F . 14.40 1.43 -12.78
ZN ZN G . -15.33 -8.57 9.97
ZN ZN H . -9.36 11.72 14.34
ZN ZN I . -11.90 -4.91 8.30
ZN ZN J . 5.33 12.36 -13.25
ZN ZN K . 3.29 -5.70 -19.51
ZN ZN L . -14.02 -16.32 -1.77
ZN ZN M . -19.14 -0.36 -11.17
#